data_8W1D
#
_entry.id   8W1D
#
_cell.length_a   57.938
_cell.length_b   44.580
_cell.length_c   51.468
_cell.angle_alpha   90.00
_cell.angle_beta   96.97
_cell.angle_gamma   90.00
#
_symmetry.space_group_name_H-M   'C 1 2 1'
#
loop_
_entity.id
_entity.type
_entity.pdbx_description
1 polymer 'DPS-LIKE PROTEIN'
2 non-polymer 'FE (II) ION'
3 water water
#
_entity_poly.entity_id   1
_entity_poly.type   'polypeptide(L)'
_entity_poly.pdbx_seq_one_letter_code
;MTTVQLTDVQTLRDRARKNIQEGAVTEGYSADRQTVLRLLNEALATELVCFLRYKRHYFMATGLKASIAAAEFLEHANQE
MQHADQLAERIMQLGGEPDFNPRGLEERSHAEYVEGKTLKDMVTENLIAERIAIDSYREIITYLGNDDPTTRRIFEEILA
QEEEHADDMADILDDLA
;
_entity_poly.pdbx_strand_id   A
#
loop_
_chem_comp.id
_chem_comp.type
_chem_comp.name
_chem_comp.formula
FE2 non-polymer 'FE (II) ION' 'Fe 2'
#
# COMPACT_ATOMS: atom_id res chain seq x y z
N ALA A 31 -19.34 0.91 -15.24
CA ALA A 31 -18.26 1.83 -14.92
C ALA A 31 -17.51 2.27 -16.17
N ASP A 32 -16.85 3.43 -16.07
CA ASP A 32 -15.97 3.86 -17.15
C ASP A 32 -14.71 3.03 -17.07
N ARG A 33 -14.45 2.25 -18.11
CA ARG A 33 -13.33 1.31 -18.07
C ARG A 33 -12.00 2.03 -17.89
N GLN A 34 -11.81 3.16 -18.59
CA GLN A 34 -10.55 3.86 -18.48
C GLN A 34 -10.35 4.45 -17.08
N THR A 35 -11.41 4.95 -16.46
CA THR A 35 -11.25 5.51 -15.12
CA THR A 35 -11.28 5.51 -15.12
C THR A 35 -10.91 4.41 -14.11
N VAL A 36 -11.57 3.27 -14.21
CA VAL A 36 -11.25 2.16 -13.30
C VAL A 36 -9.80 1.73 -13.50
N LEU A 37 -9.34 1.66 -14.76
CA LEU A 37 -7.95 1.29 -15.01
C LEU A 37 -6.98 2.30 -14.40
N ARG A 38 -7.30 3.60 -14.48
CA ARG A 38 -6.41 4.57 -13.85
C ARG A 38 -6.38 4.41 -12.34
N LEU A 39 -7.54 4.22 -11.70
CA LEU A 39 -7.56 4.03 -10.26
C LEU A 39 -6.80 2.78 -9.86
N LEU A 40 -6.94 1.70 -10.65
CA LEU A 40 -6.15 0.49 -10.36
C LEU A 40 -4.66 0.76 -10.48
N ASN A 41 -4.23 1.51 -11.50
CA ASN A 41 -2.81 1.82 -11.63
C ASN A 41 -2.31 2.77 -10.55
N GLU A 42 -3.17 3.66 -10.04
CA GLU A 42 -2.76 4.47 -8.91
C GLU A 42 -2.57 3.62 -7.67
N ALA A 43 -3.51 2.68 -7.44
CA ALA A 43 -3.36 1.78 -6.31
C ALA A 43 -2.12 0.90 -6.46
N LEU A 44 -1.86 0.42 -7.67
CA LEU A 44 -0.65 -0.36 -7.93
C LEU A 44 0.60 0.44 -7.55
N ALA A 45 0.65 1.71 -7.95
CA ALA A 45 1.80 2.55 -7.61
C ALA A 45 1.92 2.70 -6.10
N THR A 46 0.78 2.91 -5.43
CA THR A 46 0.78 3.02 -3.98
C THR A 46 1.38 1.78 -3.35
N GLU A 47 0.94 0.60 -3.77
CA GLU A 47 1.45 -0.64 -3.20
C GLU A 47 2.94 -0.81 -3.47
N LEU A 48 3.39 -0.41 -4.66
CA LEU A 48 4.82 -0.57 -4.98
C LEU A 48 5.68 0.40 -4.18
N VAL A 49 5.22 1.63 -4.00
CA VAL A 49 5.92 2.58 -3.13
C VAL A 49 5.97 2.05 -1.70
N CYS A 50 4.86 1.53 -1.20
CA CYS A 50 4.85 1.00 0.16
C CYS A 50 5.76 -0.22 0.29
N PHE A 51 5.77 -1.09 -0.72
CA PHE A 51 6.71 -2.21 -0.72
C PHE A 51 8.14 -1.70 -0.58
N LEU A 52 8.54 -0.74 -1.41
CA LEU A 52 9.91 -0.25 -1.39
C LEU A 52 10.24 0.41 -0.06
N ARG A 53 9.28 1.19 0.47
CA ARG A 53 9.53 1.85 1.75
C ARG A 53 9.65 0.83 2.89
N TYR A 54 8.78 -0.16 2.93
CA TYR A 54 8.89 -1.18 3.98
C TYR A 54 10.18 -1.99 3.83
N LYS A 55 10.65 -2.26 2.59
CA LYS A 55 11.91 -2.97 2.43
C LYS A 55 13.06 -2.14 2.98
N ARG A 56 13.07 -0.84 2.68
CA ARG A 56 14.07 0.05 3.25
C ARG A 56 14.04 -0.05 4.76
N HIS A 57 12.84 0.04 5.34
CA HIS A 57 12.72 0.06 6.79
C HIS A 57 13.14 -1.27 7.39
N TYR A 58 12.79 -2.38 6.73
CA TYR A 58 13.22 -3.68 7.19
C TYR A 58 14.73 -3.73 7.33
N PHE A 59 15.46 -3.35 6.30
CA PHE A 59 16.92 -3.43 6.36
C PHE A 59 17.47 -2.50 7.44
N MET A 60 16.95 -1.28 7.52
CA MET A 60 17.46 -0.36 8.54
C MET A 60 17.12 -0.88 9.93
N ALA A 61 15.93 -1.47 10.10
CA ALA A 61 15.55 -2.03 11.39
C ALA A 61 16.45 -3.19 11.80
N THR A 62 16.89 -4.00 10.83
CA THR A 62 17.84 -5.06 11.20
C THR A 62 19.13 -4.45 11.75
N GLY A 63 19.54 -3.28 11.23
CA GLY A 63 20.72 -2.62 11.75
C GLY A 63 20.55 -2.14 13.18
N LEU A 64 19.32 -1.87 13.59
CA LEU A 64 18.99 -1.44 14.95
C LEU A 64 18.68 -2.62 15.87
N LYS A 65 18.69 -3.84 15.34
CA LYS A 65 18.30 -5.05 16.07
C LYS A 65 16.88 -4.96 16.61
N ALA A 66 16.02 -4.28 15.85
CA ALA A 66 14.60 -4.17 16.19
C ALA A 66 13.87 -5.33 15.52
N SER A 67 13.92 -6.48 16.19
CA SER A 67 13.56 -7.74 15.52
C SER A 67 12.10 -7.79 15.11
N ILE A 68 11.19 -7.48 16.03
CA ILE A 68 9.77 -7.64 15.68
C ILE A 68 9.32 -6.53 14.74
N ALA A 69 9.82 -5.31 14.94
CA ALA A 69 9.54 -4.26 13.97
C ALA A 69 10.02 -4.66 12.58
N ALA A 70 11.26 -5.17 12.50
CA ALA A 70 11.77 -5.62 11.20
C ALA A 70 10.90 -6.70 10.60
N ALA A 71 10.51 -7.69 11.42
CA ALA A 71 9.64 -8.75 10.93
C ALA A 71 8.35 -8.19 10.38
N GLU A 72 7.73 -7.25 11.11
CA GLU A 72 6.48 -6.68 10.61
C GLU A 72 6.72 -5.90 9.32
N PHE A 73 7.82 -5.14 9.24
CA PHE A 73 8.10 -4.37 8.02
C PHE A 73 8.21 -5.31 6.83
N LEU A 74 8.93 -6.42 6.98
CA LEU A 74 9.10 -7.36 5.87
C LEU A 74 7.80 -8.08 5.55
N GLU A 75 7.06 -8.51 6.57
CA GLU A 75 5.76 -9.14 6.32
C GLU A 75 4.86 -8.17 5.57
N HIS A 76 4.82 -6.93 6.04
CA HIS A 76 4.00 -5.92 5.36
C HIS A 76 4.47 -5.68 3.94
N ALA A 77 5.80 -5.57 3.72
CA ALA A 77 6.31 -5.39 2.36
C ALA A 77 5.78 -6.49 1.43
N ASN A 78 5.94 -7.75 1.85
CA ASN A 78 5.53 -8.83 0.97
C ASN A 78 4.03 -8.84 0.76
N GLN A 79 3.26 -8.41 1.77
CA GLN A 79 1.81 -8.27 1.59
C GLN A 79 1.47 -7.13 0.63
N GLU A 80 2.22 -6.01 0.66
CA GLU A 80 1.97 -4.96 -0.32
C GLU A 80 2.23 -5.48 -1.74
N MET A 81 3.24 -6.33 -1.93
CA MET A 81 3.50 -6.89 -3.25
C MET A 81 2.40 -7.85 -3.66
N GLN A 82 1.83 -8.60 -2.70
CA GLN A 82 0.64 -9.39 -3.00
C GLN A 82 -0.52 -8.49 -3.44
N HIS A 83 -0.70 -7.35 -2.77
CA HIS A 83 -1.74 -6.41 -3.20
C HIS A 83 -1.45 -5.90 -4.61
N ALA A 84 -0.19 -5.55 -4.89
CA ALA A 84 0.18 -5.11 -6.22
C ALA A 84 -0.16 -6.17 -7.26
N ASP A 85 0.13 -7.44 -6.95
CA ASP A 85 -0.15 -8.53 -7.87
C ASP A 85 -1.64 -8.63 -8.15
N GLN A 86 -2.48 -8.49 -7.11
CA GLN A 86 -3.91 -8.60 -7.31
C GLN A 86 -4.42 -7.48 -8.19
N LEU A 87 -3.88 -6.27 -7.98
CA LEU A 87 -4.28 -5.12 -8.77
C LEU A 87 -3.86 -5.27 -10.22
N ALA A 88 -2.60 -5.71 -10.44
CA ALA A 88 -2.12 -5.86 -11.81
C ALA A 88 -2.87 -6.97 -12.54
N GLU A 89 -3.21 -8.04 -11.84
CA GLU A 89 -4.04 -9.09 -12.47
C GLU A 89 -5.37 -8.53 -12.94
N ARG A 90 -6.01 -7.69 -12.11
CA ARG A 90 -7.29 -7.11 -12.51
C ARG A 90 -7.12 -6.15 -13.69
N ILE A 91 -6.02 -5.39 -13.72
CA ILE A 91 -5.75 -4.51 -14.85
C ILE A 91 -5.68 -5.33 -16.13
N MET A 92 -4.98 -6.47 -16.11
CA MET A 92 -4.93 -7.34 -17.28
C MET A 92 -6.30 -7.85 -17.67
N GLN A 93 -7.12 -8.24 -16.67
CA GLN A 93 -8.46 -8.75 -16.97
C GLN A 93 -9.32 -7.72 -17.68
N LEU A 94 -9.13 -6.44 -17.34
CA LEU A 94 -9.90 -5.35 -17.93
C LEU A 94 -9.28 -4.80 -19.22
N GLY A 95 -8.23 -5.44 -19.72
CA GLY A 95 -7.65 -5.01 -20.97
C GLY A 95 -6.76 -3.80 -20.87
N GLY A 96 -6.24 -3.48 -19.68
CA GLY A 96 -5.30 -2.40 -19.50
C GLY A 96 -3.88 -2.91 -19.42
N GLU A 97 -2.98 -2.03 -18.99
CA GLU A 97 -1.57 -2.37 -18.85
C GLU A 97 -1.09 -1.86 -17.49
N PRO A 98 -0.48 -2.72 -16.69
CA PRO A 98 -0.05 -2.31 -15.34
C PRO A 98 1.29 -1.57 -15.40
N ASP A 99 1.34 -0.40 -14.80
CA ASP A 99 2.51 0.48 -14.92
C ASP A 99 3.44 0.27 -13.73
N PHE A 100 4.51 -0.49 -13.97
CA PHE A 100 5.53 -0.75 -12.98
C PHE A 100 6.75 0.16 -13.12
N ASN A 101 6.69 1.17 -13.96
CA ASN A 101 7.88 2.01 -14.20
C ASN A 101 8.24 2.77 -12.93
N PRO A 102 9.45 2.60 -12.39
CA PRO A 102 9.76 3.28 -11.13
C PRO A 102 9.83 4.78 -11.24
N ARG A 103 10.11 5.32 -12.43
CA ARG A 103 10.30 6.76 -12.57
C ARG A 103 9.09 7.54 -12.08
N GLY A 104 7.89 7.16 -12.52
CA GLY A 104 6.70 7.90 -12.15
C GLY A 104 5.93 7.38 -10.96
N LEU A 105 6.50 6.42 -10.22
CA LEU A 105 5.75 5.74 -9.17
C LEU A 105 5.27 6.72 -8.10
N GLU A 106 6.17 7.56 -7.61
CA GLU A 106 5.82 8.45 -6.51
C GLU A 106 4.71 9.40 -6.91
N GLU A 107 4.68 9.86 -8.16
CA GLU A 107 3.64 10.79 -8.61
C GLU A 107 2.30 10.10 -8.85
N ARG A 108 2.28 8.79 -9.04
CA ARG A 108 1.03 8.04 -9.14
C ARG A 108 0.52 7.55 -7.79
N SER A 109 1.40 7.50 -6.79
CA SER A 109 1.09 6.94 -5.49
C SER A 109 0.62 8.00 -4.52
N HIS A 110 -0.41 7.69 -3.75
CA HIS A 110 -0.79 8.59 -2.67
C HIS A 110 0.13 8.49 -1.47
N ALA A 111 0.71 7.32 -1.25
CA ALA A 111 1.66 7.17 -0.17
C ALA A 111 3.03 7.63 -0.63
N GLU A 112 3.85 8.02 0.32
CA GLU A 112 5.18 8.50 0.01
C GLU A 112 6.24 7.48 0.42
N TYR A 113 7.36 7.53 -0.32
CA TYR A 113 8.57 6.86 0.10
C TYR A 113 9.33 7.81 1.03
N VAL A 114 9.42 7.45 2.30
CA VAL A 114 10.07 8.28 3.32
C VAL A 114 10.99 7.37 4.12
N GLU A 115 12.28 7.72 4.17
CA GLU A 115 13.24 6.87 4.86
C GLU A 115 13.06 6.92 6.37
N GLY A 116 12.96 8.11 6.92
CA GLY A 116 13.04 8.25 8.36
C GLY A 116 14.45 8.07 8.88
N LYS A 117 14.66 8.39 10.15
CA LYS A 117 15.95 8.20 10.78
C LYS A 117 15.88 7.21 11.93
N THR A 118 14.97 7.40 12.87
CA THR A 118 14.85 6.48 13.99
C THR A 118 13.81 5.41 13.68
N LEU A 119 13.80 4.38 14.53
CA LEU A 119 12.73 3.38 14.45
C LEU A 119 11.37 4.03 14.58
N LYS A 120 11.22 4.95 15.54
CA LYS A 120 9.95 5.63 15.72
C LYS A 120 9.54 6.38 14.45
N ASP A 121 10.50 7.03 13.78
CA ASP A 121 10.20 7.71 12.52
C ASP A 121 9.65 6.71 11.50
N MET A 122 10.32 5.57 11.37
CA MET A 122 9.91 4.59 10.37
C MET A 122 8.51 4.06 10.66
N VAL A 123 8.25 3.69 11.91
CA VAL A 123 6.94 3.20 12.27
C VAL A 123 5.87 4.25 12.01
N THR A 124 6.16 5.51 12.38
CA THR A 124 5.22 6.60 12.15
C THR A 124 4.94 6.79 10.67
N GLU A 125 5.98 6.72 9.84
CA GLU A 125 5.78 6.91 8.41
C GLU A 125 4.94 5.79 7.81
N ASN A 126 5.11 4.57 8.31
CA ASN A 126 4.27 3.48 7.81
C ASN A 126 2.82 3.65 8.24
N LEU A 127 2.59 4.08 9.48
CA LEU A 127 1.22 4.32 9.91
C LEU A 127 0.56 5.42 9.07
N ILE A 128 1.29 6.51 8.83
CA ILE A 128 0.81 7.57 7.95
C ILE A 128 0.43 7.01 6.60
N ALA A 129 1.32 6.20 6.01
CA ALA A 129 1.08 5.67 4.67
C ALA A 129 -0.11 4.71 4.65
N GLU A 130 -0.24 3.87 5.68
CA GLU A 130 -1.38 2.95 5.71
C GLU A 130 -2.69 3.73 5.82
N ARG A 131 -2.70 4.78 6.63
CA ARG A 131 -3.92 5.58 6.76
C ARG A 131 -4.26 6.28 5.47
N ILE A 132 -3.24 6.75 4.73
CA ILE A 132 -3.48 7.34 3.42
C ILE A 132 -4.10 6.30 2.48
N ALA A 133 -3.50 5.10 2.44
CA ALA A 133 -4.02 4.05 1.57
C ALA A 133 -5.44 3.67 1.93
N ILE A 134 -5.72 3.52 3.23
CA ILE A 134 -7.07 3.23 3.70
C ILE A 134 -8.06 4.28 3.20
N ASP A 135 -7.72 5.55 3.40
CA ASP A 135 -8.63 6.62 3.00
C ASP A 135 -8.84 6.62 1.49
N SER A 136 -7.77 6.39 0.73
CA SER A 136 -7.87 6.40 -0.72
C SER A 136 -8.71 5.22 -1.22
N TYR A 137 -8.56 4.05 -0.58
CA TYR A 137 -9.31 2.88 -1.03
C TYR A 137 -10.79 2.99 -0.65
N ARG A 138 -11.11 3.57 0.50
CA ARG A 138 -12.50 3.87 0.81
C ARG A 138 -13.11 4.79 -0.24
N GLU A 139 -12.37 5.82 -0.67
CA GLU A 139 -12.91 6.72 -1.68
C GLU A 139 -13.14 5.98 -3.00
N ILE A 140 -12.22 5.09 -3.37
CA ILE A 140 -12.37 4.35 -4.62
C ILE A 140 -13.58 3.44 -4.56
N ILE A 141 -13.76 2.75 -3.43
CA ILE A 141 -14.89 1.84 -3.28
C ILE A 141 -16.21 2.59 -3.45
N THR A 142 -16.31 3.77 -2.83
CA THR A 142 -17.52 4.59 -2.98
C THR A 142 -17.69 5.07 -4.42
N TYR A 143 -16.61 5.49 -5.07
CA TYR A 143 -16.70 5.89 -6.48
C TYR A 143 -17.22 4.76 -7.35
N LEU A 144 -16.77 3.53 -7.11
CA LEU A 144 -17.17 2.39 -7.94
C LEU A 144 -18.65 2.07 -7.75
N GLY A 145 -19.16 2.22 -6.54
CA GLY A 145 -20.57 1.90 -6.30
C GLY A 145 -20.84 0.44 -6.63
N ASN A 146 -21.90 0.21 -7.40
CA ASN A 146 -22.28 -1.11 -7.88
C ASN A 146 -21.80 -1.38 -9.31
N ASP A 147 -20.94 -0.53 -9.85
CA ASP A 147 -20.65 -0.54 -11.29
C ASP A 147 -19.61 -1.57 -11.71
N ASP A 148 -18.78 -2.06 -10.81
CA ASP A 148 -17.73 -3.03 -11.13
C ASP A 148 -17.49 -3.85 -9.88
N PRO A 149 -18.38 -4.82 -9.60
CA PRO A 149 -18.28 -5.55 -8.32
C PRO A 149 -16.98 -6.30 -8.14
N THR A 150 -16.42 -6.87 -9.21
CA THR A 150 -15.16 -7.60 -9.09
C THR A 150 -14.04 -6.67 -8.61
N THR A 151 -13.92 -5.51 -9.24
CA THR A 151 -12.89 -4.57 -8.82
C THR A 151 -13.17 -4.06 -7.42
N ARG A 152 -14.44 -3.80 -7.11
CA ARG A 152 -14.78 -3.33 -5.78
C ARG A 152 -14.31 -4.31 -4.70
N ARG A 153 -14.59 -5.61 -4.91
CA ARG A 153 -14.21 -6.61 -3.92
C ARG A 153 -12.69 -6.69 -3.75
N ILE A 154 -11.93 -6.48 -4.83
CA ILE A 154 -10.48 -6.43 -4.69
C ILE A 154 -10.08 -5.32 -3.73
N PHE A 155 -10.65 -4.13 -3.93
CA PHE A 155 -10.31 -3.02 -3.04
C PHE A 155 -10.78 -3.27 -1.61
N GLU A 156 -11.93 -3.91 -1.45
CA GLU A 156 -12.42 -4.24 -0.11
C GLU A 156 -11.45 -5.17 0.61
N GLU A 157 -10.95 -6.19 -0.10
CA GLU A 157 -10.02 -7.14 0.51
C GLU A 157 -8.72 -6.47 0.89
N ILE A 158 -8.19 -5.63 -0.01
CA ILE A 158 -6.93 -4.94 0.28
C ILE A 158 -7.14 -3.97 1.45
N LEU A 159 -8.24 -3.22 1.42
CA LEU A 159 -8.57 -2.29 2.50
C LEU A 159 -8.53 -2.98 3.86
N ALA A 160 -9.15 -4.16 3.95
CA ALA A 160 -9.16 -4.88 5.23
C ALA A 160 -7.76 -5.21 5.69
N GLN A 161 -6.86 -5.58 4.77
CA GLN A 161 -5.50 -5.88 5.18
C GLN A 161 -4.72 -4.61 5.53
N GLU A 162 -4.96 -3.50 4.83
CA GLU A 162 -4.30 -2.25 5.24
C GLU A 162 -4.74 -1.82 6.65
N GLU A 163 -5.99 -2.08 7.00
CA GLU A 163 -6.42 -1.80 8.38
C GLU A 163 -5.62 -2.63 9.38
N GLU A 164 -5.34 -3.90 9.05
CA GLU A 164 -4.49 -4.71 9.91
C GLU A 164 -3.08 -4.16 9.95
N HIS A 165 -2.56 -3.70 8.80
CA HIS A 165 -1.22 -3.13 8.79
C HIS A 165 -1.14 -1.91 9.70
N ALA A 166 -2.15 -1.04 9.63
CA ALA A 166 -2.19 0.14 10.47
C ALA A 166 -2.23 -0.24 11.95
N ASP A 167 -3.06 -1.23 12.31
CA ASP A 167 -3.11 -1.68 13.70
C ASP A 167 -1.75 -2.18 14.15
N ASP A 168 -1.06 -2.93 13.29
CA ASP A 168 0.26 -3.45 13.63
C ASP A 168 1.23 -2.31 13.94
N MET A 169 1.24 -1.28 13.08
CA MET A 169 2.15 -0.16 13.28
C MET A 169 1.78 0.64 14.53
N ALA A 170 0.49 0.84 14.79
CA ALA A 170 0.07 1.55 15.99
C ALA A 170 0.51 0.81 17.23
N ASP A 171 0.44 -0.52 17.23
CA ASP A 171 0.84 -1.29 18.40
C ASP A 171 2.30 -1.05 18.72
N ILE A 172 3.16 -1.06 17.71
CA ILE A 172 4.57 -0.75 17.93
C ILE A 172 4.75 0.70 18.36
N LEU A 173 4.08 1.63 17.67
CA LEU A 173 4.28 3.05 17.95
C LEU A 173 3.92 3.41 19.37
N ASP A 174 2.89 2.76 19.93
CA ASP A 174 2.49 3.05 21.30
C ASP A 174 3.55 2.59 22.29
N ASP A 175 4.25 1.51 21.99
CA ASP A 175 5.32 1.07 22.87
C ASP A 175 6.57 1.92 22.73
N LEU A 176 6.64 2.77 21.70
CA LEU A 176 7.76 3.69 21.52
C LEU A 176 7.48 5.10 22.01
N ALA A 177 6.21 5.48 22.18
CA ALA A 177 5.86 6.84 22.61
C ALA A 177 6.61 7.20 23.89
FE FE2 B . -1.33 -2.81 0.33
FE FE2 C . -0.30 -1.88 3.97
#